data_1THE
#
_entry.id   1THE
#
_cell.length_a   47.110
_cell.length_b   90.150
_cell.length_c   62.310
_cell.angle_alpha   90.00
_cell.angle_beta   97.24
_cell.angle_gamma   90.00
#
_symmetry.space_group_name_H-M   'P 1 21 1'
#
loop_
_entity.id
_entity.type
_entity.pdbx_description
1 polymer 'Cathepsin B'
2 non-polymer 'amino{[(4S)-4-{[(benzyloxy)carbonyl]amino}-5-{[(2S)-1-(benzyloxy)-4-chloro-3-oxobutan-2-yl]amino}-5-oxopentyl]amino}met haniminium'
3 water water
#
_entity_poly.entity_id   1
_entity_poly.type   'polypeptide(L)'
_entity_poly.pdbx_seq_one_letter_code
;FSEDINLPESFDAREQWSNCPTIAQIRDQGSCGSCWAFGAVEAMSDRICIHTNGRVNVEVSAEDLLTCCGIQCGDGCNGG
YPSGAWNFWTRKGLVSGGVYNSHIGCLPYTIPPCEHHVNGARPPCTGEGDTPKCNKMCEAGYSTSYKEDKHYGYTSYSVS
DSEKEIMAEIYKNGPVEGAFTVFSDFLTYKSGVYKHEAGDVMGGHAIRILGWGIENGVPYWLVANSWNADWGDNGFFKIL
RGENHCGIESEIVAGIPRTQ
;
_entity_poly.pdbx_strand_id   A,B
#
# COMPACT_ATOMS: atom_id res chain seq x y z
N LEU A 7 -9.46 -19.42 15.80
CA LEU A 7 -10.11 -18.77 14.63
C LEU A 7 -10.82 -19.79 13.76
N PRO A 8 -12.12 -19.60 13.59
CA PRO A 8 -12.95 -20.52 12.82
C PRO A 8 -12.52 -20.52 11.38
N GLU A 9 -12.98 -21.53 10.66
CA GLU A 9 -12.50 -21.77 9.33
C GLU A 9 -13.31 -20.90 8.35
N SER A 10 -14.40 -20.31 8.86
CA SER A 10 -15.15 -19.30 8.10
C SER A 10 -15.73 -18.21 9.00
N PHE A 11 -16.07 -17.07 8.41
CA PHE A 11 -16.60 -16.01 9.25
C PHE A 11 -17.22 -15.00 8.35
N ASP A 12 -18.43 -14.55 8.74
CA ASP A 12 -19.16 -13.51 8.03
C ASP A 12 -19.61 -12.49 9.05
N ALA A 13 -19.02 -11.29 8.96
CA ALA A 13 -19.36 -10.21 9.85
C ALA A 13 -20.91 -9.92 9.84
N ARG A 14 -21.54 -10.24 8.72
CA ARG A 14 -22.99 -10.12 8.53
C ARG A 14 -23.80 -11.01 9.51
N GLU A 15 -23.25 -12.15 9.83
CA GLU A 15 -23.91 -13.09 10.71
C GLU A 15 -23.49 -12.94 12.12
N GLN A 16 -22.31 -12.40 12.33
CA GLN A 16 -21.81 -12.20 13.68
C GLN A 16 -22.51 -10.95 14.26
N TRP A 17 -22.66 -9.93 13.44
CA TRP A 17 -23.22 -8.69 13.94
C TRP A 17 -24.54 -8.42 13.21
N SER A 18 -25.50 -9.35 13.36
CA SER A 18 -26.66 -9.36 12.44
C SER A 18 -27.50 -8.10 12.59
N ASN A 19 -27.25 -7.41 13.69
CA ASN A 19 -27.97 -6.18 13.99
C ASN A 19 -27.44 -4.88 13.41
N CYS A 20 -26.38 -4.98 12.62
CA CYS A 20 -25.70 -3.85 12.03
C CYS A 20 -25.85 -3.88 10.54
N PRO A 21 -26.85 -3.18 10.01
CA PRO A 21 -27.32 -3.49 8.65
C PRO A 21 -26.35 -2.95 7.59
N THR A 22 -25.56 -1.95 7.98
CA THR A 22 -24.51 -1.40 7.08
C THR A 22 -23.54 -2.52 6.61
N ILE A 23 -23.28 -3.50 7.49
CA ILE A 23 -22.34 -4.60 7.18
C ILE A 23 -22.76 -5.31 5.91
N ALA A 24 -24.08 -5.44 5.72
CA ALA A 24 -24.65 -6.08 4.54
C ALA A 24 -24.90 -5.14 3.36
N GLN A 25 -24.59 -3.86 3.51
CA GLN A 25 -24.99 -2.87 2.50
C GLN A 25 -23.96 -2.74 1.41
N ILE A 26 -24.40 -2.80 0.15
CA ILE A 26 -23.52 -2.47 -0.98
C ILE A 26 -23.77 -1.04 -1.49
N ARG A 27 -22.72 -0.22 -1.57
CA ARG A 27 -22.82 1.11 -2.20
C ARG A 27 -22.28 1.20 -3.62
N ASP A 28 -22.53 2.38 -4.19
CA ASP A 28 -22.04 2.67 -5.53
C ASP A 28 -21.19 3.96 -5.54
N GLN A 29 -19.97 3.86 -6.00
CA GLN A 29 -19.11 5.04 -5.98
C GLN A 29 -19.43 5.97 -7.14
N GLY A 30 -20.20 5.48 -8.12
CA GLY A 30 -20.51 6.26 -9.33
C GLY A 30 -19.32 6.56 -10.24
N SER A 31 -19.39 7.61 -11.06
CA SER A 31 -18.32 7.89 -12.02
C SER A 31 -17.29 8.81 -11.35
N CYS A 32 -16.69 8.30 -10.28
CA CYS A 32 -15.73 8.98 -9.43
C CYS A 32 -14.78 7.91 -8.89
N GLY A 33 -13.47 8.17 -8.96
CA GLY A 33 -12.51 7.25 -8.40
C GLY A 33 -12.33 7.41 -6.92
N SER A 34 -13.40 7.16 -6.15
CA SER A 34 -13.44 7.40 -4.71
C SER A 34 -13.45 6.11 -3.92
N CYS A 35 -13.00 5.01 -4.56
CA CYS A 35 -12.99 3.68 -3.96
C CYS A 35 -12.22 3.71 -2.64
N TRP A 36 -11.18 4.55 -2.63
CA TRP A 36 -10.40 4.73 -1.39
C TRP A 36 -11.31 5.19 -0.24
N ALA A 37 -12.28 6.06 -0.52
CA ALA A 37 -13.19 6.62 0.51
C ALA A 37 -14.29 5.64 0.90
N PHE A 38 -14.83 4.92 -0.10
CA PHE A 38 -15.89 3.93 0.13
C PHE A 38 -15.48 2.75 1.01
N GLY A 39 -14.36 2.12 0.68
CA GLY A 39 -13.89 1.03 1.56
C GLY A 39 -13.72 1.50 3.00
N ALA A 40 -13.31 2.75 3.18
CA ALA A 40 -13.13 3.33 4.50
C ALA A 40 -14.48 3.52 5.22
N VAL A 41 -15.34 4.38 4.66
CA VAL A 41 -16.57 4.77 5.39
C VAL A 41 -17.59 3.59 5.59
N GLU A 42 -17.55 2.60 4.69
CA GLU A 42 -18.25 1.36 4.89
C GLU A 42 -17.73 0.62 6.10
N ALA A 43 -16.42 0.47 6.18
CA ALA A 43 -15.90 -0.17 7.39
C ALA A 43 -16.06 0.65 8.68
N MET A 44 -15.97 1.96 8.60
CA MET A 44 -16.18 2.78 9.81
C MET A 44 -17.65 2.70 10.33
N SER A 45 -18.62 2.73 9.42
CA SER A 45 -20.06 2.54 9.73
C SER A 45 -20.25 1.25 10.44
N ASP A 46 -19.82 0.16 9.83
CA ASP A 46 -19.78 -1.15 10.49
C ASP A 46 -19.27 -1.06 11.90
N ARG A 47 -18.06 -0.51 12.05
CA ARG A 47 -17.39 -0.58 13.35
C ARG A 47 -18.09 0.29 14.44
N ILE A 48 -18.61 1.46 14.05
CA ILE A 48 -19.40 2.27 15.01
C ILE A 48 -20.54 1.44 15.61
N CYS A 49 -21.26 0.69 14.78
CA CYS A 49 -22.29 -0.23 15.25
C CYS A 49 -21.75 -1.37 16.12
N ILE A 50 -20.65 -1.97 15.69
CA ILE A 50 -20.10 -3.07 16.50
C ILE A 50 -19.57 -2.60 17.87
N HIS A 51 -19.01 -1.40 17.87
CA HIS A 51 -18.35 -0.85 19.05
C HIS A 51 -19.38 -0.37 20.07
N THR A 52 -20.48 0.16 19.58
CA THR A 52 -21.63 0.53 20.43
C THR A 52 -22.62 -0.58 20.80
N ASN A 53 -22.44 -1.78 20.26
CA ASN A 53 -23.42 -2.89 20.37
C ASN A 53 -24.79 -2.68 19.71
N GLY A 54 -24.85 -1.91 18.64
CA GLY A 54 -26.11 -1.72 17.96
C GLY A 54 -26.70 -0.35 18.21
N ARG A 55 -26.32 0.25 19.34
CA ARG A 55 -26.91 1.53 19.76
C ARG A 55 -26.69 2.68 18.77
N VAL A 56 -25.46 2.83 18.25
CA VAL A 56 -25.25 3.82 17.22
C VAL A 56 -25.17 3.16 15.84
N ASN A 57 -26.13 3.47 14.98
CA ASN A 57 -26.29 2.72 13.75
C ASN A 57 -26.47 3.73 12.60
N VAL A 58 -25.33 4.28 12.18
CA VAL A 58 -25.28 5.34 11.16
C VAL A 58 -24.56 4.92 9.87
N GLU A 59 -24.96 5.50 8.75
CA GLU A 59 -24.22 5.41 7.50
C GLU A 59 -23.24 6.57 7.50
N VAL A 60 -21.96 6.24 7.64
CA VAL A 60 -20.89 7.27 7.55
C VAL A 60 -20.76 7.81 6.12
N SER A 61 -20.66 9.15 5.99
CA SER A 61 -20.70 9.77 4.70
C SER A 61 -19.45 9.61 3.85
N ALA A 62 -19.62 9.05 2.66
CA ALA A 62 -18.54 9.05 1.68
C ALA A 62 -18.38 10.42 1.08
N GLU A 63 -19.46 11.19 1.14
CA GLU A 63 -19.45 12.58 0.71
C GLU A 63 -18.50 13.47 1.57
N ASP A 64 -18.61 13.36 2.92
CA ASP A 64 -17.75 14.19 3.79
C ASP A 64 -16.24 13.89 3.57
N LEU A 65 -15.90 12.61 3.47
CA LEU A 65 -14.52 12.17 3.34
C LEU A 65 -13.90 12.54 1.98
N LEU A 66 -14.66 12.30 0.93
CA LEU A 66 -14.26 12.60 -0.43
C LEU A 66 -14.00 14.07 -0.71
N THR A 67 -14.88 14.93 -0.20
CA THR A 67 -14.78 16.35 -0.53
C THR A 67 -13.92 17.12 0.47
N CYS A 68 -14.14 16.82 1.76
CA CYS A 68 -13.46 17.56 2.84
C CYS A 68 -12.04 17.12 3.32
N CYS A 69 -11.59 15.93 2.97
CA CYS A 69 -10.31 15.44 3.57
C CYS A 69 -9.15 16.30 3.11
N GLY A 70 -9.15 16.58 1.83
CA GLY A 70 -8.08 17.36 1.26
C GLY A 70 -6.82 16.56 1.00
N ILE A 71 -5.70 17.23 1.12
CA ILE A 71 -4.43 16.75 0.58
C ILE A 71 -3.90 15.39 1.07
N GLN A 72 -3.99 15.10 2.35
CA GLN A 72 -3.49 13.82 2.85
C GLN A 72 -4.23 12.59 2.36
N CYS A 73 -5.45 12.75 1.85
CA CYS A 73 -6.17 11.61 1.29
C CYS A 73 -5.80 11.40 -0.14
N GLY A 74 -5.25 12.42 -0.79
CA GLY A 74 -4.97 12.34 -2.23
C GLY A 74 -5.71 13.40 -3.07
N ASP A 75 -6.28 13.00 -4.20
CA ASP A 75 -6.92 13.96 -5.08
C ASP A 75 -8.40 13.57 -5.42
N GLY A 76 -9.20 13.40 -4.37
CA GLY A 76 -10.64 13.15 -4.53
C GLY A 76 -11.05 12.16 -5.60
N CYS A 77 -11.79 12.64 -6.60
CA CYS A 77 -12.31 11.75 -7.62
C CYS A 77 -11.26 11.22 -8.58
N ASN A 78 -10.01 11.64 -8.41
CA ASN A 78 -8.89 11.16 -9.21
C ASN A 78 -8.18 9.94 -8.62
N GLY A 79 -8.36 9.75 -7.31
CA GLY A 79 -7.75 8.64 -6.62
C GLY A 79 -7.30 9.11 -5.26
N GLY A 80 -7.02 8.16 -4.38
CA GLY A 80 -6.64 8.55 -3.04
C GLY A 80 -6.03 7.42 -2.24
N TYR A 81 -5.70 7.72 -0.99
CA TYR A 81 -4.95 6.84 -0.11
C TYR A 81 -5.79 6.47 1.10
N PRO A 82 -6.02 5.17 1.28
CA PRO A 82 -6.87 4.72 2.35
C PRO A 82 -6.44 5.12 3.73
N SER A 83 -5.14 5.03 4.03
CA SER A 83 -4.73 5.38 5.37
C SER A 83 -4.90 6.86 5.66
N GLY A 84 -4.88 7.70 4.63
CA GLY A 84 -5.19 9.09 4.92
C GLY A 84 -6.64 9.27 5.44
N ALA A 85 -7.56 8.49 4.85
CA ALA A 85 -8.98 8.52 5.20
C ALA A 85 -9.09 8.21 6.69
N TRP A 86 -8.42 7.16 7.15
CA TRP A 86 -8.63 6.69 8.50
C TRP A 86 -7.99 7.67 9.41
N ASN A 87 -6.88 8.26 8.98
CA ASN A 87 -6.27 9.38 9.71
C ASN A 87 -7.16 10.61 9.86
N PHE A 88 -7.80 11.02 8.77
CA PHE A 88 -8.68 12.21 8.84
C PHE A 88 -9.92 11.93 9.76
N TRP A 89 -10.41 10.70 9.73
CA TRP A 89 -11.48 10.28 10.63
C TRP A 89 -11.15 10.47 12.10
N THR A 90 -9.89 10.30 12.49
CA THR A 90 -9.60 10.32 13.91
C THR A 90 -9.31 11.78 14.30
N ARG A 91 -8.97 12.59 13.30
CA ARG A 91 -8.55 13.97 13.58
C ARG A 91 -9.75 14.90 13.49
N LYS A 92 -10.51 14.78 12.40
CA LYS A 92 -11.66 15.65 12.15
C LYS A 92 -13.00 14.96 12.30
N GLY A 93 -13.02 13.63 12.20
CA GLY A 93 -14.26 12.89 12.24
C GLY A 93 -15.01 12.95 10.94
N LEU A 94 -16.11 12.22 10.86
CA LEU A 94 -16.94 12.23 9.64
C LEU A 94 -18.47 12.19 9.96
N VAL A 95 -19.22 13.01 9.23
CA VAL A 95 -20.69 13.09 9.51
C VAL A 95 -21.42 11.89 8.88
N SER A 96 -22.67 11.65 9.25
CA SER A 96 -23.51 10.65 8.59
C SER A 96 -23.94 11.14 7.19
N GLY A 97 -24.37 10.23 6.34
CA GLY A 97 -24.63 10.62 4.98
C GLY A 97 -25.05 9.41 4.18
N GLY A 98 -26.31 9.35 3.77
CA GLY A 98 -26.85 8.15 3.11
C GLY A 98 -26.43 7.98 1.66
N VAL A 99 -27.07 7.05 0.96
CA VAL A 99 -26.88 6.95 -0.49
C VAL A 99 -27.61 8.07 -1.23
N TYR A 100 -27.18 8.34 -2.45
CA TYR A 100 -27.87 9.23 -3.34
C TYR A 100 -29.42 9.32 -3.09
N ASN A 101 -29.94 10.55 -3.07
CA ASN A 101 -31.37 10.81 -2.92
C ASN A 101 -31.97 10.12 -1.74
N SER A 102 -31.17 9.60 -0.81
CA SER A 102 -31.78 8.89 0.32
C SER A 102 -32.37 9.89 1.32
N HIS A 103 -31.93 11.14 1.19
CA HIS A 103 -32.12 12.18 2.19
C HIS A 103 -32.02 11.67 3.60
N ILE A 104 -31.03 10.81 3.85
CA ILE A 104 -30.78 10.35 5.22
C ILE A 104 -29.42 10.86 5.77
N GLY A 105 -29.40 11.33 7.02
CA GLY A 105 -28.17 11.87 7.62
C GLY A 105 -27.69 13.25 7.14
N CYS A 106 -26.58 13.71 7.70
CA CYS A 106 -26.07 15.04 7.34
C CYS A 106 -25.81 15.22 5.87
N LEU A 107 -25.02 14.32 5.32
CA LEU A 107 -24.47 14.58 3.98
C LEU A 107 -24.52 13.38 3.01
N PRO A 108 -25.67 13.18 2.38
CA PRO A 108 -25.78 12.02 1.50
C PRO A 108 -24.87 12.17 0.28
N TYR A 109 -24.58 11.04 -0.35
CA TYR A 109 -23.82 11.06 -1.58
C TYR A 109 -24.47 11.75 -2.81
N THR A 110 -23.68 12.56 -3.48
CA THR A 110 -24.22 13.45 -4.50
C THR A 110 -23.93 12.99 -5.92
N ILE A 111 -23.20 11.88 -6.03
CA ILE A 111 -22.83 11.37 -7.34
C ILE A 111 -23.65 10.09 -7.70
N PRO A 112 -24.45 10.17 -8.79
CA PRO A 112 -25.49 9.15 -9.01
C PRO A 112 -24.91 7.79 -9.40
N PRO A 113 -25.67 6.72 -9.20
CA PRO A 113 -25.19 5.42 -9.66
C PRO A 113 -25.12 5.17 -11.19
N CYS A 114 -24.26 4.23 -11.57
CA CYS A 114 -23.98 3.98 -12.98
C CYS A 114 -23.50 2.52 -13.09
N GLU A 115 -23.44 2.00 -14.30
CA GLU A 115 -23.03 0.63 -14.56
C GLU A 115 -21.52 0.43 -14.66
N HIS A 116 -20.96 -0.32 -13.71
CA HIS A 116 -19.55 -0.62 -13.69
C HIS A 116 -19.21 -1.88 -14.43
N HIS A 117 -19.01 -1.75 -15.75
CA HIS A 117 -18.61 -2.88 -16.58
C HIS A 117 -19.71 -3.96 -16.60
N VAL A 118 -20.94 -3.52 -16.58
CA VAL A 118 -22.03 -4.47 -16.78
C VAL A 118 -23.09 -3.94 -17.73
N ASN A 119 -23.93 -4.84 -18.17
CA ASN A 119 -24.94 -4.52 -19.12
C ASN A 119 -26.33 -4.44 -18.48
N GLY A 120 -26.61 -3.32 -17.82
CA GLY A 120 -27.87 -3.12 -17.16
C GLY A 120 -28.51 -1.81 -17.59
N ALA A 121 -29.50 -1.36 -16.82
CA ALA A 121 -30.36 -0.23 -17.22
C ALA A 121 -29.86 1.17 -16.90
N ARG A 122 -29.16 1.36 -15.78
CA ARG A 122 -28.48 2.65 -15.52
C ARG A 122 -27.40 2.98 -16.55
N PRO A 123 -27.14 4.29 -16.72
CA PRO A 123 -26.09 4.74 -17.64
C PRO A 123 -24.78 4.02 -17.30
N PRO A 124 -23.89 3.90 -18.28
CA PRO A 124 -22.55 3.42 -17.95
C PRO A 124 -21.78 4.45 -17.18
N CYS A 125 -20.94 4.00 -16.26
CA CYS A 125 -20.00 4.94 -15.68
C CYS A 125 -19.00 5.41 -16.72
N THR A 126 -18.85 6.73 -16.77
CA THR A 126 -17.92 7.41 -17.66
C THR A 126 -16.66 7.75 -16.87
N GLY A 127 -16.50 7.06 -15.73
CA GLY A 127 -15.51 7.43 -14.75
C GLY A 127 -15.44 8.94 -14.58
N GLU A 128 -14.34 9.55 -15.05
CA GLU A 128 -14.11 11.02 -14.92
C GLU A 128 -14.44 11.47 -13.47
N GLY A 129 -15.54 12.21 -13.30
CA GLY A 129 -15.89 12.78 -12.03
C GLY A 129 -14.97 13.89 -11.56
N ASP A 130 -15.49 15.11 -11.46
CA ASP A 130 -14.81 16.18 -10.75
C ASP A 130 -15.22 16.19 -9.29
N THR A 131 -14.24 16.33 -8.41
CA THR A 131 -14.54 16.27 -7.01
C THR A 131 -15.50 17.42 -6.70
N PRO A 132 -16.61 17.13 -6.01
CA PRO A 132 -17.33 18.24 -5.36
C PRO A 132 -16.54 19.04 -4.32
N LYS A 133 -17.01 20.25 -4.04
CA LYS A 133 -16.40 21.12 -3.06
C LYS A 133 -16.78 20.67 -1.65
N CYS A 134 -16.02 21.11 -0.66
CA CYS A 134 -16.30 20.68 0.67
C CYS A 134 -17.23 21.69 1.30
N ASN A 135 -18.45 21.26 1.59
CA ASN A 135 -19.38 22.14 2.23
C ASN A 135 -19.58 21.75 3.68
N LYS A 136 -19.16 22.63 4.57
CA LYS A 136 -19.25 22.30 5.98
C LYS A 136 -20.65 22.50 6.54
N MET A 137 -21.58 21.80 5.92
CA MET A 137 -22.99 22.08 6.10
C MET A 137 -23.77 20.87 5.67
N CYS A 138 -24.68 20.43 6.54
CA CYS A 138 -25.61 19.35 6.21
C CYS A 138 -26.63 19.72 5.12
N GLU A 139 -27.38 18.72 4.68
CA GLU A 139 -28.50 18.95 3.76
C GLU A 139 -29.68 19.66 4.45
N ALA A 140 -30.47 20.39 3.67
CA ALA A 140 -31.60 21.15 4.22
C ALA A 140 -32.62 20.15 4.76
N GLY A 141 -32.90 20.23 6.06
CA GLY A 141 -33.89 19.34 6.65
C GLY A 141 -33.32 18.51 7.78
N TYR A 142 -32.00 18.31 7.74
CA TYR A 142 -31.31 17.51 8.76
C TYR A 142 -31.45 18.09 10.21
N SER A 143 -31.54 17.19 11.18
CA SER A 143 -31.79 17.53 12.59
C SER A 143 -30.68 18.39 13.26
N THR A 144 -29.42 18.05 13.02
CA THR A 144 -28.30 18.68 13.71
C THR A 144 -27.35 19.42 12.76
N SER A 145 -26.34 20.10 13.33
CA SER A 145 -25.36 20.81 12.52
C SER A 145 -24.26 19.87 12.06
N TYR A 146 -23.45 20.35 11.12
CA TYR A 146 -22.34 19.58 10.54
C TYR A 146 -21.30 19.19 11.61
N LYS A 147 -20.82 20.21 12.32
CA LYS A 147 -19.94 19.93 13.43
C LYS A 147 -20.58 18.97 14.43
N GLU A 148 -21.87 19.16 14.72
CA GLU A 148 -22.49 18.35 15.79
C GLU A 148 -22.72 16.90 15.41
N ASP A 149 -22.84 16.67 14.11
CA ASP A 149 -23.03 15.35 13.53
C ASP A 149 -21.76 14.52 13.38
N LYS A 150 -20.58 15.09 13.64
CA LYS A 150 -19.33 14.36 13.41
C LYS A 150 -19.17 13.11 14.23
N HIS A 151 -18.59 12.09 13.61
CA HIS A 151 -18.26 10.83 14.28
C HIS A 151 -16.76 10.54 14.15
N TYR A 152 -16.12 10.36 15.32
CA TYR A 152 -14.69 10.39 15.49
C TYR A 152 -14.07 9.01 15.66
N GLY A 153 -12.93 8.81 15.01
CA GLY A 153 -12.09 7.68 15.32
C GLY A 153 -11.19 7.94 16.52
N TYR A 154 -11.06 6.93 17.35
CA TYR A 154 -10.08 6.94 18.43
C TYR A 154 -8.65 6.64 17.94
N THR A 155 -8.43 5.48 17.32
CA THR A 155 -7.14 5.19 16.62
C THR A 155 -7.35 4.77 15.17
N SER A 156 -6.32 4.92 14.34
CA SER A 156 -6.23 4.19 13.07
C SER A 156 -4.84 3.56 12.99
N TYR A 157 -4.75 2.44 12.28
CA TYR A 157 -3.49 1.67 12.18
C TYR A 157 -3.49 0.83 10.91
N SER A 158 -2.29 0.47 10.48
CA SER A 158 -2.14 -0.55 9.44
C SER A 158 -2.10 -1.90 10.07
N VAL A 159 -2.45 -2.93 9.30
CA VAL A 159 -2.31 -4.29 9.75
C VAL A 159 -1.28 -4.95 8.81
N SER A 160 -0.34 -5.71 9.39
CA SER A 160 0.79 -6.29 8.64
C SER A 160 0.29 -7.36 7.77
N ASP A 161 1.07 -7.66 6.72
CA ASP A 161 0.82 -8.78 5.80
C ASP A 161 1.00 -10.11 6.56
N SER A 162 -0.05 -10.51 7.26
CA SER A 162 -0.09 -11.78 7.97
C SER A 162 -1.53 -12.26 7.93
N GLU A 163 -1.80 -13.36 7.26
CA GLU A 163 -3.15 -13.87 7.15
C GLU A 163 -3.87 -13.92 8.52
N LYS A 164 -3.18 -14.49 9.50
CA LYS A 164 -3.81 -14.72 10.79
C LYS A 164 -4.13 -13.44 11.51
N GLU A 165 -3.19 -12.51 11.49
CA GLU A 165 -3.47 -11.20 12.08
C GLU A 165 -4.68 -10.53 11.47
N ILE A 166 -4.71 -10.49 10.16
CA ILE A 166 -5.84 -9.91 9.45
C ILE A 166 -7.14 -10.62 9.90
N MET A 167 -7.12 -11.94 10.05
CA MET A 167 -8.33 -12.69 10.45
C MET A 167 -8.71 -12.34 11.86
N ALA A 168 -7.70 -12.30 12.72
CA ALA A 168 -7.96 -11.95 14.10
C ALA A 168 -8.50 -10.52 14.22
N GLU A 169 -8.05 -9.61 13.34
CA GLU A 169 -8.47 -8.20 13.43
C GLU A 169 -9.95 -8.09 13.07
N ILE A 170 -10.35 -8.75 11.97
CA ILE A 170 -11.76 -8.79 11.53
C ILE A 170 -12.66 -9.44 12.60
N TYR A 171 -12.26 -10.60 13.06
CA TYR A 171 -12.97 -11.27 14.15
C TYR A 171 -13.24 -10.46 15.43
N LYS A 172 -12.28 -9.62 15.85
CA LYS A 172 -12.43 -8.89 17.11
C LYS A 172 -13.21 -7.60 16.96
N ASN A 173 -12.81 -6.86 15.94
CA ASN A 173 -13.16 -5.45 15.75
C ASN A 173 -14.08 -5.13 14.59
N GLY A 174 -14.23 -6.05 13.63
CA GLY A 174 -15.21 -5.87 12.55
C GLY A 174 -14.51 -5.86 11.19
N PRO A 175 -15.22 -5.54 10.09
CA PRO A 175 -14.64 -5.36 8.73
C PRO A 175 -13.54 -4.28 8.58
N VAL A 176 -12.62 -4.53 7.65
CA VAL A 176 -11.47 -3.64 7.40
C VAL A 176 -11.41 -3.17 5.95
N GLU A 177 -10.59 -2.18 5.70
CA GLU A 177 -10.40 -1.74 4.36
C GLU A 177 -9.09 -2.36 3.83
N GLY A 178 -9.12 -2.79 2.57
CA GLY A 178 -7.96 -3.33 1.90
C GLY A 178 -7.86 -2.76 0.51
N ALA A 179 -6.74 -3.03 -0.16
CA ALA A 179 -6.60 -2.68 -1.58
C ALA A 179 -5.75 -3.71 -2.29
N PHE A 180 -5.95 -3.78 -3.60
CA PHE A 180 -5.32 -4.79 -4.44
C PHE A 180 -5.22 -4.28 -5.87
N THR A 181 -4.34 -4.92 -6.66
CA THR A 181 -4.15 -4.62 -8.05
C THR A 181 -5.27 -5.26 -8.87
N VAL A 182 -5.96 -4.44 -9.67
CA VAL A 182 -7.03 -4.95 -10.55
C VAL A 182 -6.53 -5.22 -11.98
N PHE A 183 -6.67 -6.48 -12.42
CA PHE A 183 -6.39 -6.85 -13.79
C PHE A 183 -7.72 -7.05 -14.50
N SER A 184 -7.70 -6.88 -15.81
CA SER A 184 -8.96 -6.78 -16.56
C SER A 184 -9.85 -8.02 -16.48
N ASP A 185 -9.27 -9.19 -16.18
CA ASP A 185 -10.12 -10.37 -15.96
C ASP A 185 -10.95 -10.32 -14.66
N PHE A 186 -10.70 -9.34 -13.79
CA PHE A 186 -11.55 -9.15 -12.59
C PHE A 186 -12.91 -8.50 -12.96
N LEU A 187 -12.88 -7.71 -14.02
CA LEU A 187 -14.02 -6.89 -14.42
C LEU A 187 -15.29 -7.70 -14.71
N THR A 188 -15.11 -8.97 -15.04
CA THR A 188 -16.23 -9.84 -15.36
C THR A 188 -16.45 -10.96 -14.35
N TYR A 189 -16.07 -10.73 -13.09
CA TYR A 189 -16.39 -11.68 -12.04
C TYR A 189 -17.91 -11.76 -11.80
N LYS A 190 -18.37 -13.00 -11.63
CA LYS A 190 -19.75 -13.30 -11.34
C LYS A 190 -19.89 -14.10 -10.02
N SER A 191 -18.95 -15.00 -9.76
CA SER A 191 -19.10 -15.93 -8.62
C SER A 191 -17.92 -16.87 -8.54
N GLY A 192 -17.87 -17.61 -7.42
CA GLY A 192 -16.73 -18.44 -7.13
C GLY A 192 -15.60 -17.59 -6.61
N VAL A 193 -14.53 -18.26 -6.30
CA VAL A 193 -13.37 -17.60 -5.75
C VAL A 193 -12.48 -17.04 -6.86
N TYR A 194 -12.34 -15.72 -6.93
CA TYR A 194 -11.43 -15.06 -7.92
C TYR A 194 -9.91 -15.39 -7.78
N LYS A 195 -9.31 -15.78 -8.91
CA LYS A 195 -7.87 -15.99 -9.00
C LYS A 195 -7.40 -15.50 -10.39
N HIS A 196 -6.57 -14.48 -10.37
CA HIS A 196 -6.17 -13.84 -11.62
C HIS A 196 -5.39 -14.77 -12.56
N GLU A 197 -5.63 -14.67 -13.85
CA GLU A 197 -5.16 -15.70 -14.74
C GLU A 197 -4.69 -15.07 -16.04
N ALA A 198 -5.43 -14.10 -16.52
CA ALA A 198 -5.01 -13.31 -17.66
C ALA A 198 -5.58 -11.89 -17.59
N GLY A 199 -5.10 -11.02 -18.48
CA GLY A 199 -5.59 -9.66 -18.56
C GLY A 199 -4.57 -8.63 -18.14
N ASP A 200 -4.74 -7.40 -18.59
CA ASP A 200 -3.77 -6.36 -18.28
C ASP A 200 -4.06 -5.74 -16.93
N VAL A 201 -3.08 -5.05 -16.38
CA VAL A 201 -3.28 -4.27 -15.17
C VAL A 201 -4.14 -3.05 -15.43
N MET A 202 -5.15 -2.83 -14.60
CA MET A 202 -5.99 -1.64 -14.72
C MET A 202 -5.57 -0.60 -13.71
N GLY A 203 -5.34 -1.04 -12.47
CA GLY A 203 -5.09 -0.08 -11.42
C GLY A 203 -5.36 -0.60 -10.04
N GLY A 204 -5.21 0.26 -9.03
CA GLY A 204 -5.39 -0.16 -7.65
C GLY A 204 -6.86 0.07 -7.26
N HIS A 205 -7.37 -0.77 -6.36
CA HIS A 205 -8.78 -0.76 -5.96
C HIS A 205 -8.88 -1.07 -4.47
N ALA A 206 -9.49 -0.15 -3.73
CA ALA A 206 -9.76 -0.23 -2.28
C ALA A 206 -11.18 -0.71 -2.01
N ILE A 207 -11.24 -1.73 -1.19
CA ILE A 207 -12.43 -2.51 -0.86
C ILE A 207 -12.57 -2.80 0.64
N ARG A 208 -13.76 -3.27 1.01
CA ARG A 208 -14.02 -3.60 2.40
C ARG A 208 -13.99 -5.13 2.57
N ILE A 209 -13.16 -5.65 3.48
CA ILE A 209 -13.13 -7.09 3.74
C ILE A 209 -13.88 -7.39 5.05
N LEU A 210 -14.78 -8.39 5.00
CA LEU A 210 -15.82 -8.55 6.02
C LEU A 210 -15.96 -10.00 6.49
N GLY A 211 -15.09 -10.85 5.95
CA GLY A 211 -15.12 -12.28 6.19
C GLY A 211 -14.11 -13.12 5.44
N TRP A 212 -14.22 -14.44 5.59
CA TRP A 212 -13.36 -15.45 4.96
C TRP A 212 -14.03 -16.82 5.03
N GLY A 213 -13.53 -17.75 4.24
CA GLY A 213 -13.98 -19.13 4.28
C GLY A 213 -13.21 -20.03 3.32
N ILE A 214 -13.81 -21.16 2.97
CA ILE A 214 -13.23 -22.07 2.01
C ILE A 214 -14.31 -22.50 1.05
N GLU A 215 -14.10 -22.30 -0.25
CA GLU A 215 -15.03 -22.84 -1.23
C GLU A 215 -14.41 -23.83 -2.22
N ASN A 216 -14.82 -25.08 -2.12
CA ASN A 216 -14.31 -26.13 -2.98
C ASN A 216 -12.82 -26.31 -2.82
N GLY A 217 -12.38 -26.34 -1.57
CA GLY A 217 -10.96 -26.44 -1.33
C GLY A 217 -10.15 -25.17 -1.37
N VAL A 218 -10.69 -24.11 -1.96
CA VAL A 218 -9.99 -22.82 -2.10
C VAL A 218 -10.40 -21.80 -1.01
N PRO A 219 -9.46 -21.35 -0.15
CA PRO A 219 -9.66 -20.34 0.91
C PRO A 219 -9.77 -18.95 0.36
N TYR A 220 -10.71 -18.14 0.84
CA TYR A 220 -10.95 -16.87 0.20
C TYR A 220 -11.21 -15.83 1.26
N TRP A 221 -11.13 -14.59 0.82
CA TRP A 221 -11.67 -13.45 1.53
C TRP A 221 -13.09 -13.13 0.97
N LEU A 222 -13.98 -12.68 1.85
CA LEU A 222 -15.27 -12.19 1.36
C LEU A 222 -15.19 -10.69 1.27
N VAL A 223 -15.39 -10.14 0.07
CA VAL A 223 -15.17 -8.72 -0.11
C VAL A 223 -16.43 -7.99 -0.67
N ALA A 224 -16.71 -6.79 -0.18
CA ALA A 224 -17.74 -5.89 -0.65
C ALA A 224 -17.13 -4.90 -1.62
N ASN A 225 -17.57 -4.91 -2.89
CA ASN A 225 -17.14 -3.91 -3.84
C ASN A 225 -18.12 -2.73 -3.82
N SER A 226 -17.70 -1.59 -4.33
CA SER A 226 -18.57 -0.41 -4.28
C SER A 226 -19.08 -0.08 -5.67
N TRP A 227 -19.32 -1.14 -6.45
CA TRP A 227 -19.80 -1.02 -7.83
C TRP A 227 -21.26 -1.45 -8.03
N ASN A 228 -22.09 -1.25 -6.99
CA ASN A 228 -23.55 -1.56 -7.01
C ASN A 228 -23.83 -3.06 -6.98
N ALA A 229 -25.09 -3.39 -6.75
CA ALA A 229 -25.46 -4.78 -6.56
C ALA A 229 -25.51 -5.59 -7.82
N ASP A 230 -25.63 -4.94 -8.98
CA ASP A 230 -25.58 -5.71 -10.21
C ASP A 230 -24.20 -6.13 -10.76
N TRP A 231 -23.13 -5.82 -10.05
CA TRP A 231 -21.81 -6.32 -10.45
C TRP A 231 -21.50 -7.51 -9.59
N GLY A 232 -20.76 -8.49 -10.11
CA GLY A 232 -20.24 -9.55 -9.28
C GLY A 232 -21.38 -10.38 -8.70
N ASP A 233 -21.20 -10.81 -7.48
CA ASP A 233 -22.16 -11.64 -6.82
C ASP A 233 -22.94 -10.71 -5.87
N ASN A 234 -23.98 -10.06 -6.40
CA ASN A 234 -24.82 -9.07 -5.67
C ASN A 234 -23.93 -8.00 -5.10
N GLY A 235 -22.93 -7.55 -5.86
CA GLY A 235 -22.01 -6.50 -5.38
C GLY A 235 -20.78 -6.94 -4.56
N PHE A 236 -20.79 -8.19 -4.11
CA PHE A 236 -19.71 -8.81 -3.33
C PHE A 236 -18.85 -9.69 -4.25
N PHE A 237 -17.72 -10.16 -3.71
CA PHE A 237 -16.82 -11.09 -4.43
C PHE A 237 -15.86 -11.81 -3.47
N LYS A 238 -15.39 -12.98 -3.89
CA LYS A 238 -14.44 -13.74 -3.08
C LYS A 238 -13.09 -13.81 -3.83
N ILE A 239 -11.98 -13.68 -3.10
CA ILE A 239 -10.68 -13.59 -3.72
C ILE A 239 -9.72 -14.51 -2.97
N LEU A 240 -8.92 -15.28 -3.71
CA LEU A 240 -7.93 -16.15 -3.09
C LEU A 240 -7.20 -15.52 -1.90
N ARG A 241 -7.16 -16.30 -0.83
CA ARG A 241 -6.60 -15.89 0.43
C ARG A 241 -5.32 -16.70 0.78
N GLY A 242 -4.39 -16.08 1.51
CA GLY A 242 -3.22 -16.82 2.00
C GLY A 242 -1.98 -16.73 1.12
N GLU A 243 -2.10 -16.15 -0.06
CA GLU A 243 -0.94 -15.95 -0.92
C GLU A 243 -0.71 -14.48 -1.35
N ASN A 244 -1.20 -13.49 -0.59
CA ASN A 244 -1.05 -12.08 -0.98
C ASN A 244 -1.56 -11.87 -2.38
N HIS A 245 -2.55 -12.66 -2.81
CA HIS A 245 -3.00 -12.58 -4.21
C HIS A 245 -3.46 -11.19 -4.69
N CYS A 246 -2.81 -10.69 -5.74
CA CYS A 246 -2.99 -9.31 -6.22
C CYS A 246 -2.73 -8.29 -5.17
N GLY A 247 -1.94 -8.69 -4.17
CA GLY A 247 -1.57 -7.80 -3.11
C GLY A 247 -2.65 -7.65 -2.04
N ILE A 248 -3.68 -8.50 -2.05
CA ILE A 248 -4.84 -8.35 -1.14
C ILE A 248 -4.51 -8.34 0.35
N GLU A 249 -3.33 -8.85 0.75
CA GLU A 249 -2.95 -8.88 2.16
C GLU A 249 -1.88 -7.87 2.53
N SER A 250 -1.55 -6.99 1.58
CA SER A 250 -0.49 -6.03 1.77
C SER A 250 -0.94 -4.65 2.28
N GLU A 251 -2.17 -4.20 1.98
CA GLU A 251 -2.61 -2.84 2.39
C GLU A 251 -3.87 -2.71 3.26
N ILE A 252 -3.87 -3.44 4.37
CA ILE A 252 -5.00 -3.56 5.24
C ILE A 252 -4.93 -2.41 6.25
N VAL A 253 -6.00 -1.63 6.30
CA VAL A 253 -6.04 -0.51 7.24
C VAL A 253 -7.38 -0.49 8.01
N ALA A 254 -7.31 -0.15 9.27
CA ALA A 254 -8.51 -0.17 10.11
C ALA A 254 -8.38 0.83 11.22
N GLY A 255 -9.30 0.77 12.16
CA GLY A 255 -9.22 1.69 13.27
C GLY A 255 -10.41 1.46 14.20
N ILE A 256 -10.35 2.11 15.35
CA ILE A 256 -11.35 1.88 16.37
C ILE A 256 -12.15 3.15 16.54
N PRO A 257 -13.48 3.04 16.71
CA PRO A 257 -14.22 4.29 16.87
C PRO A 257 -14.15 4.81 18.29
N ARG A 258 -14.25 6.12 18.39
CA ARG A 258 -14.29 6.78 19.69
C ARG A 258 -15.65 6.56 20.33
N THR A 259 -15.63 6.25 21.60
CA THR A 259 -16.84 6.05 22.38
C THR A 259 -17.67 7.35 22.41
N LEU B 7 12.78 13.32 19.45
CA LEU B 7 13.46 12.90 18.18
C LEU B 7 14.24 14.07 17.58
N PRO B 8 15.36 13.77 16.87
CA PRO B 8 16.11 14.80 16.13
C PRO B 8 15.31 15.54 15.03
N GLU B 9 15.61 16.81 14.84
CA GLU B 9 14.97 17.59 13.79
C GLU B 9 15.52 17.18 12.43
N SER B 10 16.69 16.56 12.43
CA SER B 10 17.25 16.12 11.17
C SER B 10 17.92 14.83 11.47
N PHE B 11 17.89 13.90 10.52
CA PHE B 11 18.54 12.60 10.69
C PHE B 11 19.01 11.98 9.36
N ASP B 12 20.16 11.33 9.37
CA ASP B 12 20.67 10.72 8.16
C ASP B 12 21.35 9.41 8.57
N ALA B 13 20.80 8.28 8.13
CA ALA B 13 21.28 7.00 8.63
C ALA B 13 22.77 6.85 8.29
N ARG B 14 23.18 7.48 7.20
CA ARG B 14 24.57 7.45 6.76
C ARG B 14 25.50 8.04 7.80
N GLU B 15 25.12 9.12 8.45
CA GLU B 15 25.99 9.62 9.53
C GLU B 15 25.87 8.74 10.73
N GLN B 16 24.67 8.24 10.93
CA GLN B 16 24.43 7.59 12.18
C GLN B 16 25.14 6.23 12.35
N TRP B 17 25.20 5.45 11.28
CA TRP B 17 25.89 4.17 11.26
C TRP B 17 26.86 4.21 10.09
N SER B 18 27.84 5.12 10.23
CA SER B 18 28.84 5.42 9.19
C SER B 18 29.68 4.20 8.83
N ASN B 19 29.86 3.32 9.82
CA ASN B 19 30.52 2.03 9.67
C ASN B 19 29.75 1.06 8.75
N CYS B 20 28.52 1.43 8.38
CA CYS B 20 27.64 0.53 7.63
C CYS B 20 27.49 1.00 6.18
N PRO B 21 28.42 0.57 5.28
CA PRO B 21 28.55 1.20 3.96
C PRO B 21 27.35 0.98 3.04
N THR B 22 26.58 -0.09 3.25
CA THR B 22 25.37 -0.30 2.38
C THR B 22 24.37 0.87 2.48
N ILE B 23 24.36 1.56 3.62
CA ILE B 23 23.37 2.61 3.85
C ILE B 23 23.60 3.73 2.85
N ALA B 24 24.86 3.93 2.46
CA ALA B 24 25.21 4.99 1.52
C ALA B 24 25.18 4.51 0.09
N GLN B 25 24.97 3.22 -0.13
CA GLN B 25 25.06 2.69 -1.50
C GLN B 25 23.76 2.96 -2.30
N ILE B 26 23.90 3.39 -3.55
CA ILE B 26 22.83 3.44 -4.58
C ILE B 26 22.98 2.30 -5.61
N ARG B 27 21.92 1.55 -5.85
CA ARG B 27 21.97 0.48 -6.84
C ARG B 27 21.17 0.89 -8.02
N ASP B 28 21.09 -0.01 -8.96
CA ASP B 28 20.42 0.25 -10.22
C ASP B 28 19.59 -1.00 -10.57
N GLN B 29 18.27 -0.87 -10.47
CA GLN B 29 17.40 -2.01 -10.79
C GLN B 29 17.47 -2.43 -12.24
N GLY B 30 17.98 -1.53 -13.09
CA GLY B 30 18.07 -1.85 -14.50
C GLY B 30 16.76 -1.78 -15.30
N SER B 31 16.68 -2.43 -16.46
CA SER B 31 15.43 -2.49 -17.29
C SER B 31 14.56 -3.65 -16.81
N CYS B 32 14.09 -3.51 -15.57
CA CYS B 32 13.26 -4.53 -14.93
C CYS B 32 12.49 -3.79 -13.84
N GLY B 33 11.24 -4.18 -13.62
CA GLY B 33 10.38 -3.44 -12.71
C GLY B 33 10.44 -4.03 -11.32
N SER B 34 11.62 -4.01 -10.75
CA SER B 34 11.90 -4.74 -9.52
C SER B 34 12.16 -3.78 -8.41
N CYS B 35 11.60 -2.56 -8.50
CA CYS B 35 11.85 -1.56 -7.42
C CYS B 35 11.37 -2.06 -6.07
N TRP B 36 10.34 -2.89 -6.10
CA TRP B 36 9.87 -3.56 -4.88
C TRP B 36 10.92 -4.44 -4.20
N ALA B 37 11.76 -5.10 -5.02
CA ALA B 37 12.86 -5.92 -4.51
C ALA B 37 14.02 -5.06 -4.01
N PHE B 38 14.38 -4.02 -4.77
CA PHE B 38 15.50 -3.16 -4.37
C PHE B 38 15.27 -2.39 -3.07
N GLY B 39 14.11 -1.76 -2.90
CA GLY B 39 13.86 -1.09 -1.62
C GLY B 39 13.94 -2.00 -0.40
N ALA B 40 13.58 -3.28 -0.59
CA ALA B 40 13.68 -4.28 0.48
C ALA B 40 15.14 -4.72 0.78
N VAL B 41 15.86 -5.28 -0.21
CA VAL B 41 17.22 -5.81 0.08
C VAL B 41 18.21 -4.72 0.47
N GLU B 42 17.94 -3.50 0.02
CA GLU B 42 18.72 -2.35 0.45
C GLU B 42 18.52 -2.04 1.90
N ALA B 43 17.26 -2.04 2.32
CA ALA B 43 16.99 -1.83 3.74
C ALA B 43 17.41 -3.08 4.56
N MET B 44 17.31 -4.28 3.99
CA MET B 44 17.70 -5.48 4.76
C MET B 44 19.21 -5.47 5.03
N SER B 45 19.98 -5.13 4.01
CA SER B 45 21.45 -4.95 4.11
C SER B 45 21.87 -3.99 5.22
N ASP B 46 21.25 -2.80 5.24
CA ASP B 46 21.48 -1.78 6.24
C ASP B 46 21.22 -2.32 7.63
N ARG B 47 20.05 -2.94 7.79
CA ARG B 47 19.60 -3.44 9.10
C ARG B 47 20.35 -4.64 9.66
N ILE B 48 20.86 -5.53 8.79
CA ILE B 48 21.75 -6.66 9.20
C ILE B 48 23.05 -6.10 9.87
N CYS B 49 23.62 -5.07 9.23
CA CYS B 49 24.79 -4.35 9.72
C CYS B 49 24.43 -3.61 11.03
N ILE B 50 23.36 -2.81 11.00
CA ILE B 50 22.97 -2.03 12.19
C ILE B 50 22.73 -2.90 13.43
N HIS B 51 22.04 -4.03 13.26
CA HIS B 51 21.65 -4.87 14.38
C HIS B 51 22.76 -5.82 14.87
N THR B 52 23.82 -5.96 14.09
CA THR B 52 24.99 -6.69 14.55
C THR B 52 26.10 -5.73 14.98
N ASN B 53 25.73 -4.47 15.20
CA ASN B 53 26.69 -3.43 15.49
C ASN B 53 27.89 -3.44 14.55
N GLY B 54 27.71 -3.90 13.33
CA GLY B 54 28.80 -3.78 12.36
C GLY B 54 29.48 -5.07 12.07
N ARG B 55 29.13 -6.08 12.87
CA ARG B 55 29.87 -7.33 12.82
C ARG B 55 29.61 -8.11 11.52
N VAL B 56 28.45 -7.84 10.94
CA VAL B 56 28.03 -8.46 9.66
C VAL B 56 27.71 -7.36 8.66
N ASN B 57 28.41 -7.35 7.54
CA ASN B 57 28.19 -6.40 6.47
C ASN B 57 28.10 -7.17 5.17
N VAL B 58 26.87 -7.37 4.73
CA VAL B 58 26.57 -8.17 3.56
C VAL B 58 25.58 -7.33 2.81
N GLU B 59 25.86 -7.25 1.51
CA GLU B 59 24.89 -6.79 0.53
C GLU B 59 23.92 -7.95 0.26
N VAL B 60 22.71 -7.86 0.80
CA VAL B 60 21.68 -8.88 0.49
C VAL B 60 21.29 -8.78 -0.99
N SER B 61 21.14 -9.94 -1.60
CA SER B 61 20.99 -10.09 -3.03
C SER B 61 19.63 -9.71 -3.55
N ALA B 62 19.58 -8.69 -4.40
CA ALA B 62 18.38 -8.36 -5.14
C ALA B 62 18.01 -9.47 -6.10
N GLU B 63 19.01 -10.19 -6.61
CA GLU B 63 18.72 -11.26 -7.59
C GLU B 63 17.88 -12.42 -6.97
N ASP B 64 18.27 -12.88 -5.79
CA ASP B 64 17.59 -14.00 -5.14
C ASP B 64 16.08 -13.68 -4.92
N LEU B 65 15.81 -12.58 -4.22
CA LEU B 65 14.45 -12.05 -4.01
C LEU B 65 13.64 -11.96 -5.30
N LEU B 66 14.21 -11.29 -6.31
CA LEU B 66 13.53 -11.04 -7.56
C LEU B 66 13.13 -12.31 -8.29
N THR B 67 14.07 -13.27 -8.32
CA THR B 67 13.89 -14.55 -9.02
C THR B 67 13.21 -15.67 -8.24
N CYS B 68 13.45 -15.75 -6.94
CA CYS B 68 13.00 -16.90 -6.16
C CYS B 68 11.76 -16.66 -5.27
N CYS B 69 11.38 -15.42 -5.03
CA CYS B 69 10.19 -15.17 -4.19
C CYS B 69 8.92 -15.80 -4.76
N GLY B 70 8.66 -15.59 -6.03
CA GLY B 70 7.49 -16.19 -6.65
C GLY B 70 6.21 -15.44 -6.31
N ILE B 71 5.09 -16.15 -6.16
CA ILE B 71 3.74 -15.50 -6.31
C ILE B 71 3.34 -14.49 -5.20
N GLN B 72 3.73 -14.80 -3.96
CA GLN B 72 3.55 -13.95 -2.80
C GLN B 72 4.20 -12.58 -2.98
N CYS B 73 5.22 -12.51 -3.83
CA CYS B 73 5.86 -11.22 -4.12
C CYS B 73 5.28 -10.49 -5.29
N GLY B 74 4.65 -11.19 -6.22
CA GLY B 74 4.02 -10.50 -7.32
C GLY B 74 4.35 -11.19 -8.63
N ASP B 75 4.89 -10.43 -9.59
CA ASP B 75 5.36 -10.99 -10.88
C ASP B 75 6.72 -10.43 -11.30
N GLY B 76 7.73 -10.58 -10.46
CA GLY B 76 9.09 -10.32 -10.90
C GLY B 76 9.38 -8.96 -11.49
N CYS B 77 9.78 -8.93 -12.75
CA CYS B 77 10.16 -7.68 -13.39
C CYS B 77 8.93 -6.91 -13.89
N ASN B 78 7.75 -7.47 -13.70
CA ASN B 78 6.57 -6.70 -14.12
C ASN B 78 6.02 -5.85 -12.98
N GLY B 79 6.44 -6.18 -11.77
CA GLY B 79 5.87 -5.52 -10.61
C GLY B 79 5.74 -6.45 -9.43
N GLY B 80 5.59 -5.85 -8.26
CA GLY B 80 5.45 -6.67 -7.10
C GLY B 80 5.15 -5.91 -5.86
N TYR B 81 5.15 -6.64 -4.76
CA TYR B 81 4.59 -6.12 -3.48
C TYR B 81 5.64 -6.16 -2.38
N PRO B 82 6.02 -4.97 -1.87
CA PRO B 82 7.08 -4.91 -0.87
C PRO B 82 6.88 -5.82 0.31
N SER B 83 5.70 -5.82 0.89
CA SER B 83 5.42 -6.67 2.06
C SER B 83 5.62 -8.18 1.84
N GLY B 84 5.40 -8.67 0.61
CA GLY B 84 5.67 -10.07 0.28
C GLY B 84 7.17 -10.41 0.25
N ALA B 85 7.98 -9.41 -0.06
CA ALA B 85 9.43 -9.52 0.03
C ALA B 85 9.90 -9.70 1.49
N TRP B 86 9.34 -8.93 2.42
CA TRP B 86 9.83 -9.04 3.79
C TRP B 86 9.36 -10.34 4.43
N ASN B 87 8.18 -10.84 4.00
CA ASN B 87 7.67 -12.10 4.49
C ASN B 87 8.57 -13.23 4.06
N PHE B 88 8.85 -13.24 2.75
CA PHE B 88 9.72 -14.24 2.17
C PHE B 88 11.07 -14.38 2.93
N TRP B 89 11.64 -13.24 3.30
CA TRP B 89 12.91 -13.17 4.02
C TRP B 89 12.85 -13.84 5.40
N THR B 90 11.74 -13.68 6.11
CA THR B 90 11.61 -14.29 7.42
C THR B 90 11.39 -15.79 7.29
N ARG B 91 10.89 -16.23 6.14
CA ARG B 91 10.58 -17.63 5.93
C ARG B 91 11.73 -18.40 5.25
N LYS B 92 12.18 -17.88 4.13
CA LYS B 92 13.09 -18.62 3.26
C LYS B 92 14.45 -17.90 3.13
N GLY B 93 14.54 -16.73 3.78
CA GLY B 93 15.73 -15.88 3.75
C GLY B 93 16.29 -15.48 2.38
N LEU B 94 17.42 -14.75 2.40
CA LEU B 94 18.07 -14.24 1.18
C LEU B 94 19.63 -14.26 1.24
N VAL B 95 20.20 -14.83 0.17
CA VAL B 95 21.65 -15.00 0.09
C VAL B 95 22.25 -13.65 -0.33
N SER B 96 23.55 -13.51 -0.09
CA SER B 96 24.28 -12.29 -0.45
C SER B 96 24.48 -12.18 -1.95
N GLY B 97 24.76 -10.96 -2.42
CA GLY B 97 24.78 -10.73 -3.85
C GLY B 97 25.15 -9.27 -4.08
N GLY B 98 26.31 -8.96 -4.69
CA GLY B 98 26.65 -7.58 -5.00
C GLY B 98 25.97 -7.00 -6.24
N VAL B 99 26.50 -5.88 -6.76
CA VAL B 99 26.05 -5.36 -8.02
C VAL B 99 26.52 -6.13 -9.26
N TYR B 100 26.15 -5.58 -10.40
CA TYR B 100 26.37 -6.23 -11.67
C TYR B 100 27.88 -6.29 -12.02
N ASN B 101 28.35 -7.52 -12.25
CA ASN B 101 29.74 -7.87 -12.52
C ASN B 101 30.66 -7.56 -11.32
N SER B 102 30.08 -7.42 -10.13
CA SER B 102 30.93 -7.26 -8.95
C SER B 102 31.64 -8.57 -8.56
N HIS B 103 31.06 -9.72 -8.93
CA HIS B 103 31.51 -11.02 -8.39
C HIS B 103 31.68 -11.05 -6.87
N ILE B 104 30.84 -10.28 -6.17
CA ILE B 104 30.84 -10.30 -4.72
C ILE B 104 29.60 -11.07 -4.28
N GLY B 105 29.78 -11.96 -3.31
CA GLY B 105 28.68 -12.77 -2.76
C GLY B 105 28.09 -13.90 -3.60
N CYS B 106 27.02 -14.51 -3.10
CA CYS B 106 26.42 -15.64 -3.80
C CYS B 106 25.77 -15.40 -5.15
N LEU B 107 24.93 -14.37 -5.26
CA LEU B 107 24.13 -14.14 -6.47
C LEU B 107 24.09 -12.63 -6.76
N PRO B 108 25.22 -12.06 -7.26
CA PRO B 108 25.24 -10.71 -7.82
C PRO B 108 24.16 -10.52 -8.89
N TYR B 109 23.67 -9.28 -8.96
CA TYR B 109 22.54 -8.94 -9.82
C TYR B 109 22.96 -9.10 -11.24
N THR B 110 22.01 -9.50 -12.08
CA THR B 110 22.37 -9.93 -13.44
C THR B 110 21.84 -9.01 -14.51
N ILE B 111 21.04 -8.05 -14.09
CA ILE B 111 20.49 -7.13 -15.05
C ILE B 111 21.28 -5.83 -15.03
N PRO B 112 21.81 -5.44 -16.17
CA PRO B 112 22.88 -4.43 -16.29
C PRO B 112 22.38 -3.03 -16.15
N PRO B 113 23.23 -2.12 -15.60
CA PRO B 113 22.90 -0.69 -15.36
C PRO B 113 22.51 0.08 -16.61
N CYS B 114 21.51 0.95 -16.49
CA CYS B 114 21.05 1.69 -17.65
C CYS B 114 20.62 3.10 -17.30
N GLU B 115 20.36 3.93 -18.30
CA GLU B 115 20.04 5.34 -18.01
C GLU B 115 18.54 5.54 -17.75
N HIS B 116 18.20 5.94 -16.53
CA HIS B 116 16.81 6.17 -16.10
C HIS B 116 16.41 7.64 -16.27
N HIS B 117 15.74 7.94 -17.39
CA HIS B 117 15.22 9.29 -17.64
C HIS B 117 16.33 10.36 -17.55
N VAL B 118 17.53 9.98 -17.97
CA VAL B 118 18.69 10.87 -18.02
C VAL B 118 19.59 10.50 -19.21
N ASN B 119 20.62 11.30 -19.43
CA ASN B 119 21.62 10.97 -20.45
C ASN B 119 22.95 10.60 -19.78
N GLY B 120 23.61 9.59 -20.31
CA GLY B 120 24.91 9.18 -19.79
C GLY B 120 25.52 8.17 -20.73
N ALA B 121 26.51 7.45 -20.23
CA ALA B 121 27.34 6.52 -21.03
C ALA B 121 26.63 5.20 -21.27
N ARG B 122 25.85 4.75 -20.29
CA ARG B 122 25.22 3.42 -20.38
C ARG B 122 24.03 3.50 -21.32
N PRO B 123 23.56 2.36 -21.82
CA PRO B 123 22.41 2.34 -22.73
C PRO B 123 21.14 2.79 -21.99
N PRO B 124 20.18 3.37 -22.72
CA PRO B 124 18.88 3.67 -22.12
C PRO B 124 18.15 2.43 -21.62
N CYS B 125 17.51 2.55 -20.46
CA CYS B 125 16.67 1.48 -19.97
C CYS B 125 15.51 1.30 -20.92
N THR B 126 15.08 0.06 -21.05
CA THR B 126 13.87 -0.25 -21.79
C THR B 126 12.87 -1.03 -20.92
N GLY B 127 11.73 -1.40 -21.49
CA GLY B 127 10.62 -1.96 -20.73
C GLY B 127 10.97 -2.71 -19.47
N GLU B 128 10.93 -4.02 -19.54
CA GLU B 128 11.09 -4.83 -18.35
C GLU B 128 11.41 -6.22 -18.83
N GLY B 129 12.71 -6.44 -19.01
CA GLY B 129 13.18 -7.73 -19.49
C GLY B 129 12.54 -8.82 -18.68
N ASP B 130 12.32 -9.97 -19.30
CA ASP B 130 11.77 -11.07 -18.56
C ASP B 130 12.55 -11.26 -17.27
N THR B 131 11.88 -11.75 -16.24
CA THR B 131 12.55 -12.02 -14.97
C THR B 131 13.43 -13.21 -15.23
N PRO B 132 14.69 -13.17 -14.78
CA PRO B 132 15.48 -14.40 -14.65
C PRO B 132 14.89 -15.59 -13.84
N LYS B 133 15.30 -16.80 -14.22
CA LYS B 133 14.88 -18.01 -13.53
C LYS B 133 15.49 -18.14 -12.15
N CYS B 134 14.78 -18.78 -11.23
CA CYS B 134 15.30 -18.92 -9.88
C CYS B 134 16.40 -19.97 -9.92
N ASN B 135 17.65 -19.55 -9.87
CA ASN B 135 18.67 -20.56 -9.66
C ASN B 135 19.03 -20.63 -8.22
N LYS B 136 18.92 -21.81 -7.64
CA LYS B 136 19.36 -21.88 -6.27
C LYS B 136 20.83 -22.31 -6.25
N MET B 137 21.68 -21.57 -6.97
CA MET B 137 23.10 -21.88 -7.05
C MET B 137 23.91 -20.57 -7.03
N CYS B 138 24.95 -20.50 -6.17
CA CYS B 138 25.82 -19.31 -6.13
C CYS B 138 26.73 -19.26 -7.33
N GLU B 139 27.32 -18.09 -7.59
CA GLU B 139 28.14 -18.00 -8.80
C GLU B 139 29.44 -18.81 -8.67
N ALA B 140 29.97 -19.27 -9.80
CA ALA B 140 31.30 -19.90 -9.79
C ALA B 140 32.37 -19.04 -9.10
N GLY B 141 33.01 -19.62 -8.12
CA GLY B 141 34.03 -18.91 -7.37
C GLY B 141 33.64 -18.91 -5.91
N TYR B 142 32.34 -18.91 -5.63
CA TYR B 142 31.90 -18.47 -4.30
C TYR B 142 32.07 -19.46 -3.13
N SER B 143 32.48 -18.89 -2.01
CA SER B 143 33.03 -19.65 -0.89
C SER B 143 32.10 -20.76 -0.40
N THR B 144 30.80 -20.47 -0.31
CA THR B 144 29.82 -21.35 0.32
C THR B 144 28.62 -21.66 -0.58
N SER B 145 27.82 -22.63 -0.14
CA SER B 145 26.68 -23.05 -0.97
C SER B 145 25.54 -22.07 -0.83
N TYR B 146 24.59 -22.15 -1.76
CA TYR B 146 23.46 -21.25 -1.76
C TYR B 146 22.62 -21.24 -0.44
N LYS B 147 22.37 -22.44 0.12
CA LYS B 147 21.55 -22.59 1.32
C LYS B 147 22.28 -22.09 2.50
N GLU B 148 23.59 -22.25 2.46
CA GLU B 148 24.42 -21.90 3.59
C GLU B 148 24.44 -20.38 3.70
N ASP B 149 24.46 -19.78 2.52
CA ASP B 149 24.59 -18.33 2.43
C ASP B 149 23.35 -17.53 2.83
N LYS B 150 22.28 -18.21 3.25
CA LYS B 150 21.02 -17.53 3.45
C LYS B 150 21.10 -16.65 4.66
N HIS B 151 20.59 -15.44 4.52
CA HIS B 151 20.41 -14.60 5.69
C HIS B 151 18.91 -14.47 6.00
N TYR B 152 18.50 -14.66 7.24
CA TYR B 152 17.04 -14.72 7.48
C TYR B 152 16.53 -13.53 8.22
N GLY B 153 15.25 -13.23 8.04
CA GLY B 153 14.65 -12.25 8.95
C GLY B 153 13.88 -12.92 10.08
N TYR B 154 13.73 -12.20 11.16
CA TYR B 154 13.05 -12.75 12.33
C TYR B 154 11.58 -12.28 12.42
N THR B 155 11.35 -11.00 12.12
CA THR B 155 10.00 -10.43 11.99
C THR B 155 9.93 -9.53 10.77
N SER B 156 8.74 -9.40 10.19
CA SER B 156 8.33 -8.29 9.30
C SER B 156 6.98 -7.66 9.72
N TYR B 157 6.84 -6.36 9.46
CA TYR B 157 5.69 -5.58 9.90
C TYR B 157 5.50 -4.36 9.02
N SER B 158 4.24 -3.95 8.91
CA SER B 158 3.92 -2.63 8.33
C SER B 158 3.95 -1.56 9.42
N VAL B 159 4.35 -0.34 9.06
CA VAL B 159 4.35 0.75 10.02
C VAL B 159 3.16 1.65 9.68
N SER B 160 2.39 2.09 10.68
CA SER B 160 1.20 2.87 10.33
C SER B 160 1.48 4.26 9.77
N ASP B 161 0.47 4.82 9.09
CA ASP B 161 0.56 6.17 8.56
C ASP B 161 0.59 7.19 9.67
N SER B 162 1.76 7.29 10.31
CA SER B 162 2.01 8.30 11.32
C SER B 162 3.43 8.80 11.14
N GLU B 163 3.61 10.11 10.89
CA GLU B 163 4.91 10.66 10.60
C GLU B 163 5.90 10.46 11.78
N LYS B 164 5.39 10.54 13.00
CA LYS B 164 6.22 10.33 14.19
C LYS B 164 6.64 8.88 14.37
N GLU B 165 5.81 7.96 13.92
CA GLU B 165 6.11 6.55 14.12
C GLU B 165 7.16 6.07 13.10
N ILE B 166 7.12 6.68 11.95
CA ILE B 166 8.02 6.30 10.87
C ILE B 166 9.37 6.86 11.24
N MET B 167 9.40 8.11 11.70
CA MET B 167 10.64 8.70 12.19
C MET B 167 11.25 7.87 13.32
N ALA B 168 10.43 7.33 14.21
CA ALA B 168 10.97 6.62 15.37
C ALA B 168 11.55 5.33 14.93
N GLU B 169 10.88 4.75 13.94
CA GLU B 169 11.25 3.43 13.44
C GLU B 169 12.56 3.49 12.69
N ILE B 170 12.71 4.44 11.76
CA ILE B 170 14.04 4.73 11.20
C ILE B 170 15.14 5.04 12.26
N TYR B 171 14.85 5.94 13.18
CA TYR B 171 15.76 6.28 14.27
C TYR B 171 16.32 5.12 15.10
N LYS B 172 15.44 4.17 15.46
CA LYS B 172 15.74 3.05 16.36
C LYS B 172 16.34 1.88 15.61
N ASN B 173 15.80 1.59 14.42
CA ASN B 173 16.04 0.31 13.82
C ASN B 173 16.62 0.38 12.42
N GLY B 174 16.69 1.59 11.86
CA GLY B 174 17.37 1.75 10.58
C GLY B 174 16.43 2.02 9.43
N PRO B 175 16.92 2.17 8.19
CA PRO B 175 16.09 2.47 7.01
C PRO B 175 14.87 1.56 6.81
N VAL B 176 13.82 2.08 6.15
CA VAL B 176 12.59 1.33 5.89
C VAL B 176 12.36 1.22 4.39
N GLU B 177 11.42 0.41 3.96
CA GLU B 177 11.00 0.42 2.56
C GLU B 177 9.65 1.22 2.51
N GLY B 178 9.36 1.93 1.42
CA GLY B 178 8.11 2.67 1.29
C GLY B 178 7.72 2.61 -0.15
N ALA B 179 6.53 3.10 -0.45
CA ALA B 179 6.03 3.17 -1.82
C ALA B 179 5.11 4.40 -1.98
N PHE B 180 5.20 4.99 -3.15
CA PHE B 180 4.52 6.25 -3.46
C PHE B 180 4.12 6.30 -4.93
N THR B 181 3.22 7.23 -5.28
CA THR B 181 2.76 7.35 -6.67
C THR B 181 3.69 8.28 -7.42
N VAL B 182 4.24 7.79 -8.53
CA VAL B 182 5.07 8.55 -9.45
C VAL B 182 4.20 9.29 -10.52
N PHE B 183 4.23 10.60 -10.48
CA PHE B 183 3.78 11.45 -11.57
C PHE B 183 4.96 11.87 -12.46
N SER B 184 4.66 12.29 -13.69
CA SER B 184 5.72 12.47 -14.69
C SER B 184 6.76 13.52 -14.34
N ASP B 185 6.36 14.45 -13.48
CA ASP B 185 7.22 15.51 -13.05
C ASP B 185 8.27 15.10 -12.05
N PHE B 186 8.09 13.93 -11.46
CA PHE B 186 9.15 13.32 -10.66
C PHE B 186 10.38 12.89 -11.54
N LEU B 187 10.11 12.45 -12.76
CA LEU B 187 11.12 11.75 -13.58
C LEU B 187 12.38 12.60 -13.82
N THR B 188 12.22 13.90 -13.63
CA THR B 188 13.27 14.85 -13.95
C THR B 188 13.66 15.68 -12.75
N TYR B 189 13.49 15.09 -11.58
CA TYR B 189 13.95 15.70 -10.35
C TYR B 189 15.47 15.84 -10.46
N LYS B 190 16.03 16.94 -9.93
CA LYS B 190 17.49 17.15 -9.95
C LYS B 190 18.01 17.36 -8.54
N SER B 191 17.35 18.27 -7.81
CA SER B 191 17.70 18.62 -6.43
C SER B 191 16.52 19.35 -5.74
N GLY B 192 16.67 19.61 -4.43
CA GLY B 192 15.60 20.21 -3.64
C GLY B 192 14.56 19.26 -3.05
N VAL B 193 13.44 19.79 -2.56
CA VAL B 193 12.34 18.97 -2.05
C VAL B 193 11.25 18.77 -3.16
N TYR B 194 11.01 17.53 -3.56
CA TYR B 194 10.06 17.21 -4.62
C TYR B 194 8.68 17.40 -4.05
N LYS B 195 7.89 18.19 -4.75
CA LYS B 195 6.48 18.41 -4.41
C LYS B 195 5.80 18.29 -5.74
N HIS B 196 5.01 17.24 -5.91
CA HIS B 196 4.29 17.04 -7.16
C HIS B 196 3.42 18.27 -7.47
N GLU B 197 3.51 18.71 -8.71
CA GLU B 197 2.78 19.87 -9.19
C GLU B 197 2.00 19.47 -10.43
N ALA B 198 2.69 18.98 -11.45
CA ALA B 198 2.05 18.69 -12.70
C ALA B 198 2.34 17.24 -13.14
N GLY B 199 1.69 16.81 -14.21
CA GLY B 199 2.09 15.55 -14.85
C GLY B 199 1.17 14.37 -14.58
N ASP B 200 1.14 13.46 -15.54
CA ASP B 200 0.33 12.24 -15.45
C ASP B 200 0.85 11.25 -14.45
N VAL B 201 -0.02 10.31 -14.13
CA VAL B 201 0.36 9.15 -13.37
C VAL B 201 1.16 8.21 -14.21
N MET B 202 2.27 7.77 -13.64
CA MET B 202 3.22 6.85 -14.26
C MET B 202 3.10 5.47 -13.63
N GLY B 203 3.16 5.43 -12.30
CA GLY B 203 2.97 4.19 -11.58
C GLY B 203 3.33 4.23 -10.10
N GLY B 204 3.32 3.06 -9.46
CA GLY B 204 3.78 2.96 -8.08
C GLY B 204 5.26 2.59 -8.02
N HIS B 205 5.99 3.19 -7.09
CA HIS B 205 7.42 3.00 -7.05
C HIS B 205 7.83 2.80 -5.60
N ALA B 206 8.57 1.71 -5.34
CA ALA B 206 9.03 1.38 -4.00
C ALA B 206 10.47 1.83 -3.78
N ILE B 207 10.76 2.34 -2.62
CA ILE B 207 12.07 2.95 -2.37
C ILE B 207 12.62 2.73 -0.94
N ARG B 208 13.75 3.35 -0.63
CA ARG B 208 14.36 3.25 0.68
C ARG B 208 14.37 4.62 1.35
N ILE B 209 13.74 4.71 2.50
CA ILE B 209 13.78 5.98 3.21
C ILE B 209 14.83 5.90 4.28
N LEU B 210 15.75 6.83 4.37
CA LEU B 210 16.86 6.64 5.34
C LEU B 210 17.09 7.85 6.23
N GLY B 211 16.21 8.84 6.17
CA GLY B 211 16.25 9.92 7.16
C GLY B 211 15.27 11.05 6.85
N TRP B 212 15.42 12.17 7.53
CA TRP B 212 14.54 13.32 7.32
C TRP B 212 15.29 14.62 7.61
N GLY B 213 14.69 15.75 7.25
CA GLY B 213 15.23 17.05 7.61
C GLY B 213 14.32 18.17 7.15
N ILE B 214 14.81 19.41 7.18
CA ILE B 214 14.04 20.57 6.68
C ILE B 214 14.87 21.35 5.66
N GLU B 215 14.21 21.92 4.64
CA GLU B 215 14.93 22.79 3.71
C GLU B 215 14.17 24.04 3.30
N ASN B 216 14.76 25.18 3.69
CA ASN B 216 14.11 26.49 3.56
C ASN B 216 12.72 26.35 4.18
N GLY B 217 12.67 25.59 5.26
CA GLY B 217 11.41 25.40 5.96
C GLY B 217 10.41 24.42 5.33
N VAL B 218 10.76 23.79 4.23
CA VAL B 218 10.05 22.60 3.82
C VAL B 218 10.54 21.25 4.38
N PRO B 219 9.71 20.58 5.23
CA PRO B 219 10.05 19.25 5.74
C PRO B 219 10.14 18.21 4.62
N TYR B 220 11.14 17.30 4.69
CA TYR B 220 11.28 16.24 3.70
C TYR B 220 11.73 14.88 4.25
N TRP B 221 11.57 13.85 3.42
CA TRP B 221 12.12 12.53 3.70
C TRP B 221 13.37 12.36 2.83
N LEU B 222 14.48 11.90 3.41
CA LEU B 222 15.65 11.57 2.60
C LEU B 222 15.47 10.15 2.03
N VAL B 223 15.55 9.99 0.71
CA VAL B 223 15.11 8.76 0.08
C VAL B 223 16.15 8.28 -0.98
N ALA B 224 16.52 6.99 -0.94
CA ALA B 224 17.37 6.44 -2.00
C ALA B 224 16.53 5.72 -3.08
N ASN B 225 16.61 6.24 -4.30
CA ASN B 225 16.04 5.62 -5.50
C ASN B 225 17.04 4.57 -6.06
N SER B 226 16.58 3.72 -6.98
CA SER B 226 17.26 2.50 -7.44
C SER B 226 17.50 2.65 -8.95
N TRP B 227 17.73 3.90 -9.35
CA TRP B 227 17.93 4.33 -10.73
C TRP B 227 19.37 4.78 -11.05
N ASN B 228 20.33 4.22 -10.32
CA ASN B 228 21.76 4.58 -10.43
C ASN B 228 22.06 5.99 -9.96
N ALA B 229 23.34 6.28 -9.85
CA ALA B 229 23.72 7.50 -9.19
C ALA B 229 23.61 8.75 -10.03
N ASP B 230 23.48 8.59 -11.33
CA ASP B 230 23.34 9.76 -12.18
C ASP B 230 21.87 10.24 -12.32
N TRP B 231 20.91 9.61 -11.64
CA TRP B 231 19.56 10.14 -11.74
C TRP B 231 19.40 10.93 -10.47
N GLY B 232 18.68 12.05 -10.54
CA GLY B 232 18.35 12.77 -9.30
C GLY B 232 19.55 13.43 -8.66
N ASP B 233 19.62 13.42 -7.33
CA ASP B 233 20.73 14.05 -6.58
C ASP B 233 21.73 12.94 -6.14
N ASN B 234 22.54 12.47 -7.10
CA ASN B 234 23.43 11.31 -6.87
C ASN B 234 22.69 10.04 -6.49
N GLY B 235 21.49 9.87 -7.08
CA GLY B 235 20.68 8.67 -6.88
C GLY B 235 19.62 8.84 -5.81
N PHE B 236 19.85 9.78 -4.89
CA PHE B 236 18.93 10.10 -3.82
C PHE B 236 17.91 11.21 -4.24
N PHE B 237 16.82 11.37 -3.48
CA PHE B 237 15.89 12.51 -3.61
C PHE B 237 15.28 12.86 -2.28
N LYS B 238 14.70 14.06 -2.23
CA LYS B 238 14.01 14.58 -1.06
C LYS B 238 12.55 14.81 -1.50
N ILE B 239 11.59 14.44 -0.64
CA ILE B 239 10.14 14.51 -0.96
C ILE B 239 9.42 15.04 0.29
N LEU B 240 8.48 15.97 0.07
CA LEU B 240 7.72 16.57 1.17
C LEU B 240 7.33 15.50 2.21
N ARG B 241 7.46 15.83 3.47
CA ARG B 241 7.11 14.94 4.57
C ARG B 241 6.03 15.57 5.46
N GLY B 242 5.15 14.73 6.00
CA GLY B 242 4.10 15.24 6.89
C GLY B 242 2.72 15.35 6.26
N GLU B 243 2.59 15.03 4.97
CA GLU B 243 1.36 15.35 4.23
C GLU B 243 0.87 14.18 3.42
N ASN B 244 1.36 13.00 3.72
CA ASN B 244 1.03 11.84 2.87
C ASN B 244 1.20 12.20 1.42
N HIS B 245 2.19 13.03 1.16
CA HIS B 245 2.46 13.44 -0.22
C HIS B 245 2.76 12.21 -1.13
N CYS B 246 1.92 12.05 -2.17
CA CYS B 246 1.93 10.93 -3.12
C CYS B 246 1.86 9.52 -2.48
N GLY B 247 1.36 9.47 -1.26
CA GLY B 247 1.25 8.19 -0.57
C GLY B 247 2.48 7.77 0.22
N ILE B 248 3.48 8.65 0.32
CA ILE B 248 4.82 8.29 0.80
C ILE B 248 4.77 7.78 2.21
N GLU B 249 3.74 8.18 2.99
CA GLU B 249 3.66 7.68 4.36
C GLU B 249 2.61 6.56 4.57
N SER B 250 2.16 6.01 3.49
CA SER B 250 1.05 5.06 3.51
C SER B 250 1.48 3.63 3.42
N GLU B 251 2.61 3.34 2.78
CA GLU B 251 2.98 1.96 2.59
C GLU B 251 4.39 1.65 3.14
N ILE B 252 4.65 1.96 4.40
CA ILE B 252 5.94 1.62 5.01
C ILE B 252 5.98 0.19 5.52
N VAL B 253 7.06 -0.52 5.18
CA VAL B 253 7.32 -1.86 5.73
C VAL B 253 8.83 -2.08 6.09
N ALA B 254 9.03 -2.87 7.12
CA ALA B 254 10.35 -3.12 7.68
C ALA B 254 10.33 -4.48 8.32
N GLY B 255 11.35 -4.74 9.15
CA GLY B 255 11.61 -6.07 9.63
C GLY B 255 12.98 -6.21 10.27
N ILE B 256 13.04 -7.11 11.22
CA ILE B 256 14.18 -7.24 12.11
C ILE B 256 14.94 -8.53 11.75
N PRO B 257 16.27 -8.43 11.57
CA PRO B 257 17.01 -9.60 11.09
C PRO B 257 17.15 -10.66 12.19
N ARG B 258 17.21 -11.94 11.80
CA ARG B 258 17.69 -12.95 12.72
C ARG B 258 19.23 -12.95 12.73
N THR B 259 19.77 -12.37 13.78
CA THR B 259 21.22 -12.23 13.90
C THR B 259 21.74 -12.98 15.13
#